data_2NTJ
#
_entry.id   2NTJ
#
_cell.length_a   91.592
_cell.length_b   100.521
_cell.length_c   186.499
_cell.angle_alpha   90.00
_cell.angle_beta   90.00
_cell.angle_gamma   90.00
#
_symmetry.space_group_name_H-M   'I 21 21 21'
#
loop_
_entity.id
_entity.type
_entity.pdbx_description
1 polymer 'Enoyl-[acyl-carrier-protein] reductase [NADH'
2 non-polymer '{(2R,3S,4R,5R)-5-[(4S)-3-(AMINOCARBONYL)-4-(2-PROPYLISONICOTINOYL)PYRIDIN-1(4H)-YL]-3,4-DIHYDROXYTETRAHYDROFURAN-2-YL}M ETHYL [(2R,3S,4R,5R)-5-(6-AMINO-9H-PURIN-9-YL)-3,4-DIHYDROXYTETRAHYDROFURAN-2-YL]METHYL DIHYDROGEN DIPHOSPHATE'
3 water water
#
_entity_poly.entity_id   1
_entity_poly.type   'polypeptide(L)'
_entity_poly.pdbx_seq_one_letter_code
;AGLLDGKRILVSGIITDSSIAFHIARVAQEQGAQLVLTGFDRLRLIQRITDRLPAKAPLLELDVQNEEHLASLAGRVTEA
IGAGNKLDGVVHSIGFMPQTGMGINPFFDAPYADVSKGIHISAYSYASMAKALLPIMNPGGSIVGMDFDPSRAMPAYNWM
TVAKSALESVNRFVAREAGKYGVRSNLVAAGPIRTLAMSAIVGGALGEEAGAQIQLLEEGWDQRAPIGWNMKDATPVAKT
VCALLSDWLPATTGDIIYADGGAHTQLL
;
_entity_poly.pdbx_strand_id   A,B
#
loop_
_chem_comp.id
_chem_comp.type
_chem_comp.name
_chem_comp.formula
P1H non-polymer '{(2R,3S,4R,5R)-5-[(4S)-3-(AMINOCARBONYL)-4-(2-PROPYLISONICOTINOYL)PYRIDIN-1(4H)-YL]-3,4-DIHYDROXYTETRAHYDROFURAN-2-YL}M ETHYL [(2R,3S,4R,5R)-5-(6-AMINO-9H-PURIN-9-YL)-3,4-DIHYDROXYTETRAHYDROFURAN-2-YL]METHYL DIHYDROGEN DIPHOSPHATE' 'C30 H38 N8 O15 P2'
#
# COMPACT_ATOMS: atom_id res chain seq x y z
N ALA A 1 -21.16 -8.46 -6.11
CA ALA A 1 -20.44 -8.37 -7.42
C ALA A 1 -18.93 -7.99 -7.30
N GLY A 2 -18.52 -7.51 -6.11
CA GLY A 2 -17.32 -6.70 -5.98
C GLY A 2 -16.08 -7.17 -5.25
N LEU A 3 -15.32 -6.19 -4.77
CA LEU A 3 -13.94 -6.32 -4.29
C LEU A 3 -13.73 -7.48 -3.35
N LEU A 4 -14.80 -7.86 -2.67
CA LEU A 4 -14.71 -8.52 -1.42
C LEU A 4 -15.79 -9.58 -1.36
N ASP A 5 -16.31 -9.93 -2.54
CA ASP A 5 -17.32 -10.97 -2.73
C ASP A 5 -17.03 -12.26 -2.01
N GLY A 6 -18.00 -12.73 -1.24
CA GLY A 6 -17.86 -13.99 -0.52
C GLY A 6 -16.93 -13.96 0.68
N LYS A 7 -16.42 -12.78 1.03
CA LYS A 7 -15.46 -12.71 2.12
C LYS A 7 -16.16 -12.55 3.49
N ARG A 8 -15.71 -13.32 4.48
CA ARG A 8 -16.22 -13.27 5.86
C ARG A 8 -15.29 -12.46 6.75
N ILE A 9 -15.69 -11.26 7.14
CA ILE A 9 -14.74 -10.35 7.78
C ILE A 9 -15.26 -9.90 9.11
N LEU A 10 -14.41 -9.87 10.12
CA LEU A 10 -14.80 -9.29 11.40
C LEU A 10 -14.25 -7.87 11.53
N VAL A 11 -15.14 -6.94 11.86
CA VAL A 11 -14.77 -5.55 12.08
C VAL A 11 -15.03 -5.15 13.53
N SER A 12 -14.02 -4.60 14.18
CA SER A 12 -14.16 -4.12 15.56
C SER A 12 -14.13 -2.59 15.57
N GLY A 13 -14.39 -2.01 16.73
CA GLY A 13 -14.11 -0.59 16.90
C GLY A 13 -15.22 0.37 16.50
N ILE A 14 -16.37 -0.11 16.07
CA ILE A 14 -17.46 0.84 15.82
C ILE A 14 -18.02 1.37 17.13
N ILE A 15 -17.98 2.70 17.34
CA ILE A 15 -18.73 3.29 18.48
C ILE A 15 -19.85 4.24 18.09
N THR A 16 -19.64 5.09 17.07
CA THR A 16 -20.73 5.90 16.52
C THR A 16 -20.71 5.80 15.00
N ASP A 17 -21.62 6.52 14.36
CA ASP A 17 -21.68 6.56 12.91
C ASP A 17 -20.50 7.36 12.33
N SER A 18 -19.70 7.98 13.19
CA SER A 18 -18.51 8.65 12.66
C SER A 18 -17.19 7.93 12.99
N SER A 19 -17.25 6.78 13.69
CA SER A 19 -16.06 5.93 13.90
C SER A 19 -15.49 5.53 12.54
N ILE A 20 -14.17 5.50 12.36
CA ILE A 20 -13.72 5.04 11.04
C ILE A 20 -14.15 3.55 10.84
N ALA A 21 -14.25 2.78 11.92
CA ALA A 21 -14.68 1.40 11.74
C ALA A 21 -16.03 1.41 11.06
N PHE A 22 -16.88 2.38 11.42
CA PHE A 22 -18.23 2.39 10.87
C PHE A 22 -18.23 2.42 9.33
N HIS A 23 -17.35 3.26 8.76
CA HIS A 23 -17.21 3.40 7.32
C HIS A 23 -16.43 2.26 6.64
N ILE A 24 -15.48 1.63 7.36
CA ILE A 24 -14.82 0.39 6.88
C ILE A 24 -15.94 -0.62 6.65
N ALA A 25 -16.78 -0.76 7.67
CA ALA A 25 -17.86 -1.72 7.60
C ALA A 25 -18.83 -1.40 6.46
N ARG A 26 -19.25 -0.14 6.37
CA ARG A 26 -20.19 0.25 5.30
C ARG A 26 -19.62 -0.12 3.96
N VAL A 27 -18.33 0.20 3.75
CA VAL A 27 -17.71 -0.05 2.45
C VAL A 27 -17.57 -1.54 2.20
N ALA A 28 -17.18 -2.30 3.22
CA ALA A 28 -17.02 -3.74 3.06
C ALA A 28 -18.34 -4.39 2.60
N GLN A 29 -19.47 -3.99 3.20
CA GLN A 29 -20.74 -4.58 2.85
C GLN A 29 -21.12 -4.20 1.43
N GLU A 30 -20.95 -2.92 1.06
CA GLU A 30 -21.23 -2.51 -0.30
C GLU A 30 -20.40 -3.33 -1.30
N GLN A 31 -19.28 -3.88 -0.81
CA GLN A 31 -18.37 -4.62 -1.65
C GLN A 31 -18.51 -6.15 -1.58
N GLY A 32 -19.54 -6.64 -0.89
CA GLY A 32 -19.93 -8.04 -0.94
C GLY A 32 -19.50 -8.84 0.28
N ALA A 33 -18.88 -8.18 1.25
CA ALA A 33 -18.36 -8.84 2.45
C ALA A 33 -19.52 -9.17 3.38
N GLN A 34 -19.43 -10.29 4.12
CA GLN A 34 -20.37 -10.66 5.18
C GLN A 34 -19.65 -10.41 6.50
N LEU A 35 -20.22 -9.59 7.39
CA LEU A 35 -19.48 -9.13 8.55
C LEU A 35 -19.85 -9.75 9.87
N VAL A 36 -18.92 -9.73 10.80
CA VAL A 36 -19.28 -9.92 12.19
C VAL A 36 -18.73 -8.66 12.83
N LEU A 37 -19.52 -8.04 13.69
CA LEU A 37 -19.07 -6.85 14.37
C LEU A 37 -18.75 -7.09 15.83
N THR A 38 -17.84 -6.29 16.34
CA THR A 38 -17.41 -6.34 17.71
C THR A 38 -17.56 -4.96 18.29
N GLY A 39 -18.14 -4.86 19.48
CA GLY A 39 -18.27 -3.58 20.14
C GLY A 39 -17.84 -3.68 21.60
N PHE A 40 -17.51 -2.54 22.20
CA PHE A 40 -16.92 -2.61 23.54
C PHE A 40 -17.96 -2.44 24.67
N ASP A 41 -18.40 -1.25 25.01
CA ASP A 41 -19.12 -1.26 26.28
C ASP A 41 -20.55 -0.68 26.27
N ARG A 42 -20.80 0.19 25.30
CA ARG A 42 -22.10 0.67 25.05
C ARG A 42 -22.74 -0.14 23.94
N LEU A 43 -23.17 -1.35 24.27
CA LEU A 43 -23.67 -2.24 23.26
C LEU A 43 -24.97 -1.74 22.72
N ARG A 44 -25.85 -1.19 23.58
CA ARG A 44 -27.12 -0.65 23.08
C ARG A 44 -26.88 0.46 22.07
N LEU A 45 -25.92 1.34 22.36
CA LEU A 45 -25.45 2.35 21.38
C LEU A 45 -25.00 1.68 20.07
N ILE A 46 -24.03 0.77 20.17
CA ILE A 46 -23.52 0.08 18.97
C ILE A 46 -24.62 -0.65 18.20
N GLN A 47 -25.57 -1.24 18.92
CA GLN A 47 -26.72 -1.84 18.26
C GLN A 47 -27.48 -0.83 17.38
N ARG A 48 -27.93 0.30 17.94
CA ARG A 48 -28.70 1.24 17.10
C ARG A 48 -27.86 1.86 16.00
N ILE A 49 -26.59 2.13 16.29
CA ILE A 49 -25.68 2.65 15.27
C ILE A 49 -25.52 1.61 14.16
N THR A 50 -25.13 0.39 14.53
CA THR A 50 -24.87 -0.62 13.50
C THR A 50 -26.11 -1.08 12.76
N ASP A 51 -27.30 -0.89 13.32
CA ASP A 51 -28.52 -1.13 12.50
C ASP A 51 -28.62 -0.23 11.27
N ARG A 52 -27.82 0.84 11.17
CA ARG A 52 -28.00 1.67 9.98
C ARG A 52 -27.12 1.25 8.81
N LEU A 53 -26.24 0.27 9.02
CA LEU A 53 -25.39 -0.30 7.98
C LEU A 53 -26.26 -0.93 6.92
N PRO A 54 -25.76 -0.96 5.66
CA PRO A 54 -26.51 -1.47 4.52
C PRO A 54 -27.08 -2.90 4.66
N ALA A 55 -26.46 -3.73 5.49
CA ALA A 55 -26.94 -5.09 5.75
C ALA A 55 -26.74 -5.44 7.21
N LYS A 56 -27.58 -6.32 7.73
CA LYS A 56 -27.52 -6.76 9.15
C LYS A 56 -26.28 -7.65 9.37
N ALA A 57 -25.63 -7.47 10.52
CA ALA A 57 -24.45 -8.24 10.87
C ALA A 57 -24.49 -8.52 12.38
N PRO A 58 -24.09 -9.72 12.80
CA PRO A 58 -24.25 -9.96 14.23
C PRO A 58 -23.24 -9.15 15.00
N LEU A 59 -23.55 -8.86 16.25
CA LEU A 59 -22.73 -7.97 17.03
C LEU A 59 -22.32 -8.70 18.26
N LEU A 60 -21.01 -8.72 18.53
CA LEU A 60 -20.44 -9.47 19.65
C LEU A 60 -19.77 -8.54 20.66
N GLU A 61 -19.86 -8.86 21.94
CA GLU A 61 -19.16 -8.06 22.92
C GLU A 61 -17.67 -8.40 22.96
N LEU A 62 -16.81 -7.38 23.00
CA LEU A 62 -15.40 -7.61 23.20
C LEU A 62 -14.74 -6.41 23.80
N ASP A 63 -14.48 -6.50 25.10
CA ASP A 63 -13.55 -5.64 25.79
C ASP A 63 -12.17 -6.30 25.63
N VAL A 64 -11.27 -5.58 24.98
CA VAL A 64 -9.98 -6.10 24.62
C VAL A 64 -9.10 -6.30 25.84
N GLN A 65 -9.48 -5.67 26.95
CA GLN A 65 -8.80 -5.87 28.22
C GLN A 65 -9.38 -7.05 28.97
N ASN A 66 -10.39 -7.69 28.40
CA ASN A 66 -11.04 -8.80 29.11
C ASN A 66 -10.57 -10.16 28.62
N GLU A 67 -9.72 -10.78 29.44
CA GLU A 67 -9.20 -12.11 29.20
C GLU A 67 -10.23 -13.14 28.76
N GLU A 68 -11.44 -13.05 29.32
CA GLU A 68 -12.48 -14.04 29.03
C GLU A 68 -13.18 -13.78 27.70
N HIS A 69 -13.33 -12.51 27.34
CA HIS A 69 -13.92 -12.13 26.06
C HIS A 69 -13.06 -12.69 24.91
N LEU A 70 -11.75 -12.70 25.14
CA LEU A 70 -10.77 -13.15 24.13
C LEU A 70 -10.75 -14.65 23.99
N ALA A 71 -10.66 -15.33 25.13
CA ALA A 71 -10.79 -16.80 25.22
C ALA A 71 -12.01 -17.30 24.48
N SER A 72 -13.14 -16.60 24.63
CA SER A 72 -14.40 -17.01 23.97
C SER A 72 -14.64 -16.48 22.59
N LEU A 73 -13.81 -15.54 22.14
CA LEU A 73 -14.04 -14.85 20.84
C LEU A 73 -14.16 -15.78 19.61
N ALA A 74 -13.19 -16.69 19.44
CA ALA A 74 -13.24 -17.64 18.33
C ALA A 74 -14.55 -18.46 18.34
N GLY A 75 -14.86 -19.05 19.49
CA GLY A 75 -16.12 -19.79 19.64
C GLY A 75 -17.33 -18.96 19.25
N ARG A 76 -17.43 -17.76 19.82
CA ARG A 76 -18.56 -16.86 19.54
C ARG A 76 -18.64 -16.44 18.07
N VAL A 77 -17.50 -16.27 17.40
CA VAL A 77 -17.50 -15.91 15.98
C VAL A 77 -18.02 -17.09 15.14
N THR A 78 -17.49 -18.28 15.43
CA THR A 78 -17.89 -19.50 14.73
C THR A 78 -19.40 -19.74 14.84
N GLU A 79 -19.95 -19.60 16.05
CA GLU A 79 -21.40 -19.65 16.24
C GLU A 79 -22.09 -18.73 15.23
N ALA A 80 -21.64 -17.48 15.21
CA ALA A 80 -22.18 -16.45 14.34
C ALA A 80 -22.04 -16.71 12.83
N ILE A 81 -20.94 -17.29 12.36
CA ILE A 81 -20.80 -17.46 10.91
C ILE A 81 -21.18 -18.85 10.40
N GLY A 82 -21.41 -19.78 11.33
CA GLY A 82 -21.70 -21.20 10.98
C GLY A 82 -20.46 -22.06 11.16
N ALA A 83 -20.55 -23.05 12.04
CA ALA A 83 -19.42 -23.94 12.33
C ALA A 83 -18.97 -24.55 11.04
N GLY A 84 -17.66 -24.69 10.86
CA GLY A 84 -17.15 -25.09 9.55
C GLY A 84 -16.88 -23.96 8.56
N ASN A 85 -17.15 -22.72 8.97
CA ASN A 85 -16.68 -21.55 8.24
C ASN A 85 -15.61 -20.80 9.02
N LYS A 86 -14.74 -20.13 8.25
CA LYS A 86 -13.70 -19.30 8.84
C LYS A 86 -13.71 -17.82 8.34
N LEU A 87 -12.91 -16.99 9.01
CA LEU A 87 -12.78 -15.58 8.68
C LEU A 87 -11.75 -15.36 7.57
N ASP A 88 -12.11 -14.60 6.56
CA ASP A 88 -11.11 -14.11 5.62
C ASP A 88 -10.51 -12.77 6.03
N GLY A 89 -11.17 -12.05 6.94
CA GLY A 89 -10.65 -10.76 7.40
C GLY A 89 -10.85 -10.43 8.87
N VAL A 90 -9.86 -9.76 9.46
CA VAL A 90 -9.99 -9.11 10.78
C VAL A 90 -9.60 -7.63 10.67
N VAL A 91 -10.47 -6.73 11.11
CA VAL A 91 -10.13 -5.29 11.20
C VAL A 91 -10.08 -4.82 12.66
N HIS A 92 -8.88 -4.50 13.12
CA HIS A 92 -8.63 -3.89 14.44
C HIS A 92 -8.72 -2.36 14.28
N SER A 93 -9.74 -1.77 14.89
CA SER A 93 -9.90 -0.35 14.80
C SER A 93 -10.19 0.15 16.18
N ILE A 94 -9.35 -0.24 17.12
CA ILE A 94 -9.60 0.17 18.51
C ILE A 94 -8.43 1.05 19.02
N GLY A 95 -8.74 2.07 19.80
CA GLY A 95 -7.71 2.95 20.38
C GLY A 95 -8.23 3.74 21.57
N PHE A 96 -7.36 3.98 22.54
CA PHE A 96 -7.71 4.75 23.73
C PHE A 96 -6.45 5.12 24.50
N MET A 97 -6.39 6.39 24.91
CA MET A 97 -5.42 6.81 25.91
C MET A 97 -6.18 7.61 26.95
N PRO A 98 -5.97 7.33 28.24
CA PRO A 98 -6.64 8.16 29.25
C PRO A 98 -6.29 9.62 29.09
N GLN A 99 -7.09 10.47 29.73
CA GLN A 99 -6.91 11.93 29.69
C GLN A 99 -5.57 12.44 30.12
N THR A 100 -4.92 11.77 31.07
CA THR A 100 -3.61 12.23 31.51
C THR A 100 -2.58 12.00 30.43
N GLY A 101 -2.91 11.18 29.43
CA GLY A 101 -1.93 10.79 28.42
C GLY A 101 -1.95 11.58 27.13
N MET A 102 -2.93 12.47 27.04
CA MET A 102 -3.15 13.32 25.87
C MET A 102 -3.52 14.75 26.20
N GLY A 103 -3.18 15.65 25.27
CA GLY A 103 -3.61 17.02 25.32
C GLY A 103 -2.73 17.91 26.15
N ILE A 104 -3.39 18.61 27.08
CA ILE A 104 -2.83 19.68 27.90
C ILE A 104 -2.00 19.15 29.07
N ASN A 105 -2.40 18.00 29.65
CA ASN A 105 -1.65 17.41 30.75
C ASN A 105 -0.21 17.19 30.28
N PRO A 106 0.77 17.69 31.05
CA PRO A 106 2.17 17.61 30.55
C PRO A 106 2.63 16.18 30.27
N PHE A 107 3.32 15.96 29.14
CA PHE A 107 3.93 14.65 28.83
C PHE A 107 4.40 13.88 30.08
N PHE A 108 5.25 14.52 30.89
CA PHE A 108 5.84 13.88 32.09
C PHE A 108 4.87 13.46 33.22
N ASP A 109 3.63 13.97 33.20
CA ASP A 109 2.69 13.81 34.31
C ASP A 109 1.74 12.62 34.13
N ALA A 110 1.73 12.03 32.95
CA ALA A 110 0.97 10.79 32.76
C ALA A 110 1.41 9.66 33.73
N PRO A 111 0.49 9.16 34.56
CA PRO A 111 0.95 8.08 35.43
C PRO A 111 1.05 6.79 34.62
N TYR A 112 2.01 5.95 34.98
CA TYR A 112 2.25 4.77 34.19
C TYR A 112 1.02 3.87 34.14
N ALA A 113 0.21 3.86 35.19
CA ALA A 113 -1.02 3.07 35.12
C ALA A 113 -1.92 3.57 33.95
N ASP A 114 -1.90 4.89 33.70
CA ASP A 114 -2.60 5.42 32.55
C ASP A 114 -1.93 5.10 31.24
N VAL A 115 -0.64 5.34 31.15
CA VAL A 115 0.08 4.90 29.97
C VAL A 115 -0.10 3.39 29.71
N SER A 116 0.10 2.56 30.72
CA SER A 116 -0.01 1.12 30.58
C SER A 116 -1.34 0.74 29.97
N LYS A 117 -2.44 1.27 30.50
CA LYS A 117 -3.78 0.94 30.01
C LYS A 117 -4.00 1.35 28.55
N GLY A 118 -3.47 2.52 28.19
CA GLY A 118 -3.48 3.01 26.83
C GLY A 118 -2.76 2.10 25.87
N ILE A 119 -1.51 1.74 26.18
CA ILE A 119 -0.80 0.74 25.38
C ILE A 119 -1.49 -0.64 25.37
N HIS A 120 -2.10 -1.01 26.48
CA HIS A 120 -2.85 -2.26 26.54
C HIS A 120 -3.87 -2.20 25.43
N ILE A 121 -4.69 -1.16 25.45
CA ILE A 121 -5.83 -1.10 24.55
C ILE A 121 -5.36 -0.87 23.13
N SER A 122 -4.30 -0.07 22.99
CA SER A 122 -3.95 0.49 21.72
C SER A 122 -2.92 -0.27 20.89
N ALA A 123 -2.05 -1.04 21.55
CA ALA A 123 -0.96 -1.75 20.88
C ALA A 123 -1.04 -3.24 21.06
N TYR A 124 -0.91 -3.68 22.30
CA TYR A 124 -0.97 -5.08 22.67
C TYR A 124 -2.22 -5.79 22.14
N SER A 125 -3.37 -5.10 22.18
CA SER A 125 -4.62 -5.76 21.77
C SER A 125 -4.58 -6.21 20.34
N TYR A 126 -3.69 -5.62 19.56
CA TYR A 126 -3.56 -6.07 18.19
C TYR A 126 -2.96 -7.49 18.18
N ALA A 127 -2.06 -7.76 19.13
CA ALA A 127 -1.56 -9.14 19.33
C ALA A 127 -2.67 -10.11 19.78
N SER A 128 -3.44 -9.75 20.82
CA SER A 128 -4.42 -10.66 21.36
C SER A 128 -5.54 -11.04 20.39
N MET A 129 -6.02 -10.07 19.62
CA MET A 129 -7.01 -10.36 18.61
C MET A 129 -6.39 -11.30 17.59
N ALA A 130 -5.12 -11.06 17.25
CA ALA A 130 -4.39 -11.90 16.33
C ALA A 130 -4.36 -13.33 16.89
N LYS A 131 -4.00 -13.45 18.15
CA LYS A 131 -3.92 -14.75 18.81
C LYS A 131 -5.27 -15.48 18.83
N ALA A 132 -6.35 -14.76 19.12
CA ALA A 132 -7.69 -15.34 19.14
C ALA A 132 -8.24 -15.76 17.79
N LEU A 133 -7.94 -15.03 16.72
CA LEU A 133 -8.69 -15.18 15.47
C LEU A 133 -7.96 -15.93 14.37
N LEU A 134 -6.64 -16.04 14.50
CA LEU A 134 -5.85 -16.73 13.50
C LEU A 134 -6.19 -18.23 13.46
N PRO A 135 -6.37 -18.89 14.64
CA PRO A 135 -6.87 -20.29 14.60
C PRO A 135 -8.17 -20.49 13.86
N ILE A 136 -8.86 -19.40 13.51
CA ILE A 136 -10.06 -19.52 12.68
C ILE A 136 -10.08 -18.65 11.40
N MET A 137 -8.91 -18.41 10.82
CA MET A 137 -8.84 -17.68 9.55
C MET A 137 -8.36 -18.55 8.40
N ASN A 138 -8.79 -18.23 7.18
CA ASN A 138 -8.38 -18.96 6.00
C ASN A 138 -7.07 -18.45 5.37
N PRO A 139 -6.29 -19.34 4.72
CA PRO A 139 -5.15 -18.82 3.95
C PRO A 139 -5.61 -17.76 2.92
N GLY A 140 -4.79 -16.73 2.76
CA GLY A 140 -5.11 -15.59 1.89
C GLY A 140 -5.83 -14.54 2.71
N GLY A 141 -5.95 -14.78 4.00
CA GLY A 141 -6.69 -13.90 4.89
C GLY A 141 -5.89 -12.68 5.23
N SER A 142 -6.57 -11.67 5.77
CA SER A 142 -5.96 -10.36 5.96
C SER A 142 -6.37 -9.81 7.29
N ILE A 143 -5.40 -9.34 8.05
CA ILE A 143 -5.67 -8.65 9.31
C ILE A 143 -5.24 -7.21 9.04
N VAL A 144 -6.11 -6.24 9.29
CA VAL A 144 -5.64 -4.85 9.20
C VAL A 144 -6.02 -4.03 10.40
N GLY A 145 -5.05 -3.27 10.93
CA GLY A 145 -5.29 -2.43 12.13
C GLY A 145 -5.16 -0.94 11.83
N MET A 146 -5.76 -0.09 12.64
CA MET A 146 -5.66 1.37 12.37
C MET A 146 -4.47 2.06 13.06
N ASP A 147 -3.76 2.89 12.30
CA ASP A 147 -2.53 3.52 12.76
C ASP A 147 -2.51 5.01 12.45
N PHE A 148 -1.56 5.72 13.05
CA PHE A 148 -1.10 6.96 12.44
C PHE A 148 0.39 7.11 12.61
N ASP A 149 1.02 7.75 11.65
CA ASP A 149 2.44 7.90 11.61
C ASP A 149 3.05 8.47 12.89
N PRO A 150 3.74 7.64 13.68
CA PRO A 150 4.40 8.18 14.86
C PRO A 150 5.92 8.38 14.71
N SER A 151 6.45 8.35 13.49
CA SER A 151 7.90 8.48 13.36
C SER A 151 8.44 9.83 13.86
N ARG A 152 7.58 10.83 13.92
CA ARG A 152 8.02 12.11 14.50
C ARG A 152 7.12 12.48 15.65
N ALA A 153 7.69 13.17 16.64
CA ALA A 153 6.91 13.63 17.81
C ALA A 153 6.10 14.88 17.43
N MET A 154 5.20 15.31 18.31
CA MET A 154 4.18 16.33 17.99
C MET A 154 3.51 16.79 19.28
N PRO A 155 2.86 17.97 19.26
CA PRO A 155 2.06 18.38 20.44
C PRO A 155 0.73 17.64 20.54
N ALA A 156 0.18 17.64 21.76
CA ALA A 156 -1.14 17.11 22.14
C ALA A 156 -1.24 15.58 22.17
N TYR A 157 -0.86 14.93 21.08
CA TYR A 157 -0.96 13.47 20.94
C TYR A 157 -0.08 12.62 21.85
N ASN A 158 1.05 13.15 22.29
CA ASN A 158 1.75 12.62 23.46
C ASN A 158 1.84 11.07 23.55
N TRP A 159 1.32 10.50 24.65
CA TRP A 159 1.45 9.05 24.85
C TRP A 159 0.69 8.27 23.82
N MET A 160 -0.29 8.89 23.17
CA MET A 160 -0.99 8.16 22.13
C MET A 160 0.00 7.92 21.00
N THR A 161 0.88 8.87 20.75
CA THR A 161 1.88 8.66 19.69
C THR A 161 2.81 7.47 20.03
N VAL A 162 3.28 7.44 21.27
CA VAL A 162 4.07 6.35 21.76
C VAL A 162 3.35 5.01 21.56
N ALA A 163 2.06 4.99 21.91
CA ALA A 163 1.22 3.80 21.74
C ALA A 163 1.27 3.31 20.31
N LYS A 164 1.21 4.25 19.35
CA LYS A 164 1.22 3.89 17.93
C LYS A 164 2.59 3.38 17.49
N SER A 165 3.66 3.98 17.99
CA SER A 165 5.01 3.49 17.72
C SER A 165 5.12 2.01 18.09
N ALA A 166 4.63 1.65 19.28
CA ALA A 166 4.57 0.28 19.74
C ALA A 166 3.69 -0.61 18.83
N LEU A 167 2.55 -0.08 18.41
CA LEU A 167 1.66 -0.79 17.53
C LEU A 167 2.36 -1.13 16.24
N GLU A 168 3.17 -0.22 15.71
CA GLU A 168 3.82 -0.54 14.44
C GLU A 168 4.79 -1.67 14.66
N SER A 169 5.47 -1.67 15.79
CA SER A 169 6.35 -2.74 16.15
C SER A 169 5.52 -4.04 16.29
N VAL A 170 4.47 -4.04 17.10
CA VAL A 170 3.65 -5.25 17.27
C VAL A 170 3.24 -5.83 15.91
N ASN A 171 2.83 -4.96 15.00
CA ASN A 171 2.30 -5.41 13.74
C ASN A 171 3.33 -6.25 13.00
N ARG A 172 4.61 -5.95 13.24
CA ARG A 172 5.65 -6.63 12.49
C ARG A 172 5.80 -8.05 13.03
N PHE A 173 5.67 -8.20 14.33
CA PHE A 173 5.67 -9.54 14.89
C PHE A 173 4.44 -10.35 14.50
N VAL A 174 3.27 -9.72 14.57
CA VAL A 174 2.05 -10.42 14.26
C VAL A 174 2.11 -10.99 12.84
N ALA A 175 2.73 -10.25 11.94
CA ALA A 175 2.91 -10.70 10.59
C ALA A 175 3.68 -12.04 10.55
N ARG A 176 4.73 -12.18 11.36
CA ARG A 176 5.47 -13.44 11.38
C ARG A 176 4.59 -14.62 11.76
N GLU A 177 3.71 -14.44 12.75
CA GLU A 177 2.73 -15.46 13.13
C GLU A 177 1.69 -15.71 12.02
N ALA A 178 1.03 -14.64 11.56
CA ALA A 178 0.04 -14.73 10.51
C ALA A 178 0.60 -15.38 9.23
N GLY A 179 1.91 -15.27 9.03
CA GLY A 179 2.54 -15.94 7.92
C GLY A 179 2.29 -17.44 7.92
N LYS A 180 2.52 -18.05 9.07
CA LYS A 180 2.31 -19.47 9.26
C LYS A 180 0.94 -19.93 8.83
N TYR A 181 -0.08 -19.06 8.86
CA TYR A 181 -1.45 -19.45 8.42
C TYR A 181 -1.80 -18.97 7.02
N GLY A 182 -0.80 -18.46 6.28
CA GLY A 182 -1.07 -17.75 5.01
C GLY A 182 -1.90 -16.46 5.19
N VAL A 183 -1.76 -15.78 6.33
CA VAL A 183 -2.48 -14.57 6.61
C VAL A 183 -1.55 -13.32 6.62
N ARG A 184 -1.94 -12.26 5.93
CA ARG A 184 -1.13 -11.01 5.98
C ARG A 184 -1.52 -10.17 7.19
N SER A 185 -0.63 -9.32 7.66
CA SER A 185 -0.94 -8.42 8.76
C SER A 185 -0.36 -7.04 8.38
N ASN A 186 -1.23 -6.06 8.14
CA ASN A 186 -0.79 -4.71 7.82
C ASN A 186 -1.56 -3.68 8.60
N LEU A 187 -0.96 -2.50 8.73
CA LEU A 187 -1.65 -1.32 9.26
C LEU A 187 -1.95 -0.29 8.21
N VAL A 188 -3.07 0.42 8.40
CA VAL A 188 -3.34 1.64 7.62
C VAL A 188 -3.10 2.89 8.46
N ALA A 189 -2.14 3.71 8.04
CA ALA A 189 -1.91 5.04 8.68
C ALA A 189 -2.82 6.08 8.05
N ALA A 190 -3.88 6.48 8.76
CA ALA A 190 -4.84 7.46 8.23
C ALA A 190 -4.34 8.87 8.46
N GLY A 191 -4.92 9.79 7.70
CA GLY A 191 -4.82 11.19 8.06
C GLY A 191 -5.79 11.43 9.20
N PRO A 192 -5.71 12.62 9.82
CA PRO A 192 -6.64 12.96 10.92
C PRO A 192 -8.08 12.94 10.40
N ILE A 193 -9.01 12.47 11.23
CA ILE A 193 -10.40 12.30 10.84
C ILE A 193 -11.31 12.76 11.96
N ARG A 194 -12.36 13.47 11.59
CA ARG A 194 -13.24 14.09 12.58
C ARG A 194 -14.29 13.17 13.16
N THR A 195 -13.88 12.36 14.11
CA THR A 195 -14.81 11.52 14.86
C THR A 195 -15.44 12.38 15.96
N LEU A 196 -16.44 11.83 16.66
CA LEU A 196 -16.95 12.48 17.85
C LEU A 196 -15.83 12.99 18.74
N ALA A 197 -14.91 12.11 19.10
CA ALA A 197 -13.89 12.40 20.09
C ALA A 197 -12.93 13.48 19.57
N MET A 198 -12.57 13.40 18.31
CA MET A 198 -11.64 14.39 17.75
C MET A 198 -12.21 15.78 17.70
N SER A 199 -13.49 15.87 17.35
CA SER A 199 -14.22 17.11 17.36
C SER A 199 -14.28 17.70 18.77
N ALA A 200 -14.68 16.90 19.75
CA ALA A 200 -14.65 17.38 21.16
C ALA A 200 -13.28 17.90 21.55
N ILE A 201 -12.24 17.17 21.12
CA ILE A 201 -10.85 17.52 21.41
C ILE A 201 -10.44 18.82 20.70
N VAL A 202 -10.70 18.95 19.40
CA VAL A 202 -10.42 20.19 18.72
C VAL A 202 -11.29 21.31 19.28
N GLY A 203 -12.43 20.92 19.86
CA GLY A 203 -13.31 21.85 20.54
C GLY A 203 -12.75 22.30 21.87
N GLY A 204 -11.70 21.62 22.31
CA GLY A 204 -11.01 22.01 23.54
C GLY A 204 -11.39 21.19 24.76
N ALA A 205 -11.99 20.01 24.56
CA ALA A 205 -12.30 19.14 25.71
C ALA A 205 -11.09 18.70 26.54
N LEU A 206 -9.87 18.78 25.98
CA LEU A 206 -8.66 18.41 26.72
C LEU A 206 -7.78 19.61 26.87
N GLY A 207 -8.43 20.77 26.98
CA GLY A 207 -7.74 22.04 27.08
C GLY A 207 -7.69 22.71 25.74
N GLU A 208 -7.53 24.03 25.75
CA GLU A 208 -7.68 24.83 24.53
C GLU A 208 -6.45 24.85 23.63
N GLU A 209 -5.27 24.96 24.24
CA GLU A 209 -4.01 24.90 23.47
C GLU A 209 -3.86 23.54 22.75
N ALA A 210 -4.30 22.44 23.39
CA ALA A 210 -4.30 21.13 22.72
C ALA A 210 -5.21 21.20 21.50
N GLY A 211 -6.44 21.67 21.72
CA GLY A 211 -7.37 21.94 20.63
C GLY A 211 -6.78 22.77 19.50
N ALA A 212 -6.15 23.89 19.83
CA ALA A 212 -5.64 24.79 18.78
C ALA A 212 -4.42 24.20 18.05
N GLN A 213 -3.59 23.48 18.79
CA GLN A 213 -2.46 22.78 18.19
C GLN A 213 -3.00 21.77 17.15
N ILE A 214 -4.02 20.99 17.53
CA ILE A 214 -4.58 19.96 16.65
C ILE A 214 -5.21 20.52 15.38
N GLN A 215 -5.90 21.65 15.52
CA GLN A 215 -6.48 22.33 14.36
C GLN A 215 -5.39 22.82 13.38
N LEU A 216 -4.27 23.31 13.93
CA LEU A 216 -3.12 23.62 13.11
C LEU A 216 -2.62 22.43 12.29
N LEU A 217 -2.55 21.27 12.93
CA LEU A 217 -2.05 20.05 12.32
C LEU A 217 -2.99 19.66 11.19
N GLU A 218 -4.29 19.72 11.48
CA GLU A 218 -5.31 19.44 10.48
C GLU A 218 -5.22 20.32 9.26
N GLU A 219 -5.00 21.63 9.46
CA GLU A 219 -4.86 22.57 8.35
C GLU A 219 -3.60 22.25 7.56
N GLY A 220 -2.48 22.15 8.27
CA GLY A 220 -1.20 21.79 7.65
C GLY A 220 -1.28 20.52 6.84
N TRP A 221 -1.91 19.49 7.41
CA TRP A 221 -2.13 18.23 6.71
C TRP A 221 -2.69 18.47 5.31
N ASP A 222 -3.90 19.00 5.22
CA ASP A 222 -4.47 19.23 3.89
C ASP A 222 -3.54 20.05 2.94
N GLN A 223 -2.85 21.07 3.44
CA GLN A 223 -1.93 21.85 2.60
C GLN A 223 -0.81 20.97 2.00
N ARG A 224 -0.15 20.19 2.84
CA ARG A 224 0.91 19.27 2.43
C ARG A 224 0.47 18.13 1.49
N ALA A 225 -0.63 17.48 1.85
CA ALA A 225 -1.24 16.44 1.04
C ALA A 225 -1.35 16.82 -0.46
N PRO A 226 -0.50 16.23 -1.33
CA PRO A 226 -0.56 16.56 -2.74
C PRO A 226 -1.95 16.35 -3.34
N ILE A 227 -2.74 15.43 -2.81
CA ILE A 227 -4.09 15.32 -3.33
C ILE A 227 -5.11 15.92 -2.37
N GLY A 228 -4.63 16.70 -1.41
CA GLY A 228 -5.49 17.32 -0.44
C GLY A 228 -5.90 16.27 0.59
N TRP A 229 -6.51 16.74 1.67
CA TRP A 229 -7.02 15.85 2.66
C TRP A 229 -8.34 16.42 3.13
N ASN A 230 -9.34 15.57 3.24
CA ASN A 230 -10.61 15.98 3.81
C ASN A 230 -10.87 15.23 5.13
N MET A 231 -10.60 15.91 6.23
CA MET A 231 -10.70 15.30 7.56
C MET A 231 -12.10 14.84 7.92
N LYS A 232 -13.10 15.19 7.11
CA LYS A 232 -14.51 14.88 7.43
C LYS A 232 -15.06 13.71 6.61
N ASP A 233 -14.22 13.18 5.73
CA ASP A 233 -14.59 12.07 4.86
C ASP A 233 -13.68 10.88 5.14
N ALA A 234 -14.12 10.00 6.05
CA ALA A 234 -13.43 8.72 6.30
C ALA A 234 -13.48 7.65 5.20
N THR A 235 -14.23 7.88 4.13
CA THR A 235 -14.36 6.91 3.02
C THR A 235 -13.03 6.51 2.34
N PRO A 236 -12.16 7.49 2.00
CA PRO A 236 -10.90 7.12 1.38
C PRO A 236 -10.13 6.18 2.27
N VAL A 237 -10.28 6.35 3.60
CA VAL A 237 -9.59 5.48 4.53
C VAL A 237 -10.26 4.08 4.53
N ALA A 238 -11.57 4.04 4.45
CA ALA A 238 -12.27 2.80 4.49
C ALA A 238 -11.95 1.96 3.25
N LYS A 239 -11.74 2.65 2.13
CA LYS A 239 -11.44 1.96 0.88
C LYS A 239 -10.05 1.33 0.95
N THR A 240 -9.15 1.95 1.67
CA THR A 240 -7.79 1.47 1.77
C THR A 240 -7.79 0.20 2.58
N VAL A 241 -8.46 0.23 3.74
CA VAL A 241 -8.66 -0.95 4.54
C VAL A 241 -9.21 -2.10 3.69
N CYS A 242 -10.19 -1.81 2.84
CA CYS A 242 -10.77 -2.84 1.99
C CYS A 242 -9.78 -3.35 0.98
N ALA A 243 -8.94 -2.46 0.44
CA ALA A 243 -7.85 -2.84 -0.44
C ALA A 243 -6.97 -3.90 0.20
N LEU A 244 -6.65 -3.71 1.47
CA LEU A 244 -5.85 -4.73 2.17
C LEU A 244 -6.65 -6.01 2.46
N LEU A 245 -7.96 -5.89 2.63
CA LEU A 245 -8.74 -7.07 2.93
C LEU A 245 -8.97 -7.92 1.67
N SER A 246 -8.71 -7.33 0.52
CA SER A 246 -8.93 -7.97 -0.77
C SER A 246 -7.73 -8.76 -1.16
N ASP A 247 -7.89 -9.58 -2.18
CA ASP A 247 -6.80 -10.36 -2.77
C ASP A 247 -5.80 -9.58 -3.60
N TRP A 248 -5.98 -8.26 -3.72
CA TRP A 248 -5.20 -7.49 -4.69
C TRP A 248 -3.96 -6.86 -4.14
N LEU A 249 -3.67 -7.12 -2.86
CA LEU A 249 -2.39 -6.72 -2.25
C LEU A 249 -1.85 -7.98 -1.54
N PRO A 250 -1.63 -9.08 -2.29
CA PRO A 250 -1.28 -10.41 -1.75
C PRO A 250 0.14 -10.56 -1.26
N ALA A 251 1.00 -9.61 -1.56
CA ALA A 251 2.42 -9.73 -1.20
C ALA A 251 2.97 -8.66 -0.26
N THR A 252 2.06 -7.99 0.46
CA THR A 252 2.43 -7.02 1.51
C THR A 252 2.05 -7.52 2.91
N THR A 253 2.98 -7.55 3.86
CA THR A 253 2.66 -7.88 5.26
C THR A 253 3.68 -7.22 6.10
N GLY A 254 3.43 -7.17 7.41
CA GLY A 254 4.32 -6.52 8.37
C GLY A 254 4.44 -5.03 8.09
N ASP A 255 3.52 -4.54 7.24
CA ASP A 255 3.71 -3.25 6.59
C ASP A 255 2.64 -2.18 6.92
N ILE A 256 2.92 -0.95 6.52
CA ILE A 256 2.02 0.19 6.75
C ILE A 256 1.67 0.82 5.39
N ILE A 257 0.38 0.89 5.06
CA ILE A 257 -0.14 1.70 3.95
C ILE A 257 -0.67 3.07 4.43
N TYR A 258 -0.19 4.13 3.80
CA TYR A 258 -0.50 5.50 4.17
C TYR A 258 -1.72 6.04 3.42
N ALA A 259 -2.84 6.15 4.12
CA ALA A 259 -4.10 6.59 3.50
C ALA A 259 -4.31 7.99 4.09
N ASP A 260 -3.52 8.93 3.59
CA ASP A 260 -3.27 10.18 4.29
C ASP A 260 -3.09 11.39 3.37
N GLY A 261 -3.47 11.24 2.10
CA GLY A 261 -3.33 12.31 1.15
C GLY A 261 -1.94 12.56 0.61
N GLY A 262 -1.00 11.68 0.94
CA GLY A 262 0.38 11.77 0.47
C GLY A 262 1.16 12.64 1.41
N ALA A 263 0.52 13.12 2.48
CA ALA A 263 1.08 14.15 3.35
C ALA A 263 2.42 13.82 3.98
N HIS A 264 2.60 12.59 4.45
CA HIS A 264 3.86 12.20 5.11
C HIS A 264 5.04 12.20 4.13
N THR A 265 4.80 12.31 2.83
CA THR A 265 5.89 12.39 1.86
C THR A 265 6.36 13.82 1.56
N GLN A 266 5.72 14.83 2.16
CA GLN A 266 6.11 16.23 1.87
C GLN A 266 6.54 16.92 3.15
N LEU A 267 7.72 17.52 3.13
CA LEU A 267 8.14 18.40 4.21
C LEU A 267 7.19 19.60 4.29
N LEU A 268 6.90 20.21 3.16
CA LEU A 268 5.89 21.25 3.10
C LEU A 268 5.35 21.26 1.67
N ALA B 1 -14.01 -5.50 -16.46
CA ALA B 1 -15.22 -6.01 -15.70
C ALA B 1 -14.89 -6.34 -14.24
N GLY B 2 -13.59 -6.35 -13.93
CA GLY B 2 -13.14 -6.81 -12.64
C GLY B 2 -11.84 -6.16 -12.20
N LEU B 3 -11.90 -4.85 -11.98
CA LEU B 3 -10.88 -4.09 -11.20
C LEU B 3 -10.43 -2.87 -11.96
N LEU B 4 -9.97 -3.07 -13.18
CA LEU B 4 -9.58 -1.95 -14.02
C LEU B 4 -10.64 -1.70 -15.08
N ASP B 5 -11.82 -2.24 -14.84
CA ASP B 5 -12.97 -2.08 -15.72
C ASP B 5 -13.24 -0.65 -16.23
N GLY B 6 -13.07 -0.44 -17.54
CA GLY B 6 -13.37 0.85 -18.17
C GLY B 6 -12.15 1.77 -18.24
N LYS B 7 -11.04 1.31 -17.70
CA LYS B 7 -9.88 2.15 -17.53
C LYS B 7 -8.91 1.99 -18.68
N ARG B 8 -8.35 3.12 -19.09
CA ARG B 8 -7.42 3.15 -20.19
C ARG B 8 -6.04 3.39 -19.59
N ILE B 9 -5.11 2.50 -19.90
CA ILE B 9 -3.84 2.49 -19.20
C ILE B 9 -2.67 2.28 -20.15
N LEU B 10 -1.68 3.17 -20.05
CA LEU B 10 -0.44 3.01 -20.76
C LEU B 10 0.51 2.14 -19.92
N VAL B 11 1.18 1.18 -20.55
CA VAL B 11 2.14 0.32 -19.87
C VAL B 11 3.43 0.30 -20.68
N SER B 12 4.53 0.75 -20.09
CA SER B 12 5.84 0.70 -20.75
C SER B 12 6.63 -0.47 -20.21
N GLY B 13 7.74 -0.80 -20.86
CA GLY B 13 8.73 -1.67 -20.23
C GLY B 13 8.67 -3.15 -20.63
N ILE B 14 7.91 -3.48 -21.65
CA ILE B 14 7.91 -4.86 -22.13
C ILE B 14 9.09 -5.12 -23.06
N ILE B 15 10.00 -6.01 -22.65
CA ILE B 15 11.05 -6.50 -23.54
C ILE B 15 10.99 -8.03 -23.83
N THR B 16 10.77 -8.85 -22.80
CA THR B 16 10.65 -10.29 -22.99
C THR B 16 9.35 -10.79 -22.37
N ASP B 17 9.01 -12.06 -22.56
CA ASP B 17 7.82 -12.60 -21.91
C ASP B 17 8.02 -12.72 -20.40
N SER B 18 9.25 -12.60 -19.95
CA SER B 18 9.54 -12.56 -18.53
C SER B 18 9.38 -11.13 -17.92
N SER B 19 9.38 -10.08 -18.75
CA SER B 19 9.26 -8.69 -18.26
C SER B 19 8.17 -8.55 -17.20
N ILE B 20 8.42 -7.79 -16.14
CA ILE B 20 7.35 -7.59 -15.14
C ILE B 20 6.23 -6.86 -15.84
N ALA B 21 6.62 -5.90 -16.67
CA ALA B 21 5.69 -5.16 -17.50
C ALA B 21 4.79 -6.09 -18.30
N PHE B 22 5.32 -7.25 -18.69
CA PHE B 22 4.53 -8.21 -19.43
C PHE B 22 3.36 -8.68 -18.55
N HIS B 23 3.70 -9.06 -17.32
CA HIS B 23 2.69 -9.51 -16.35
C HIS B 23 1.77 -8.43 -15.82
N ILE B 24 2.26 -7.19 -15.67
CA ILE B 24 1.39 -6.05 -15.34
C ILE B 24 0.24 -6.07 -16.33
N ALA B 25 0.61 -6.15 -17.59
CA ALA B 25 -0.31 -5.94 -18.68
C ALA B 25 -1.32 -7.07 -18.78
N ARG B 26 -0.82 -8.29 -18.74
CA ARG B 26 -1.71 -9.42 -18.76
C ARG B 26 -2.81 -9.27 -17.66
N VAL B 27 -2.35 -9.09 -16.42
CA VAL B 27 -3.26 -8.97 -15.26
C VAL B 27 -4.20 -7.78 -15.47
N ALA B 28 -3.68 -6.69 -16.01
CA ALA B 28 -4.45 -5.47 -16.21
C ALA B 28 -5.61 -5.77 -17.15
N GLN B 29 -5.32 -6.58 -18.17
CA GLN B 29 -6.31 -6.92 -19.21
C GLN B 29 -7.28 -7.96 -18.71
N GLU B 30 -6.79 -8.91 -17.94
CA GLU B 30 -7.68 -9.83 -17.24
C GLU B 30 -8.73 -9.04 -16.43
N GLN B 31 -8.33 -7.92 -15.85
CA GLN B 31 -9.24 -7.11 -15.02
C GLN B 31 -10.01 -6.03 -15.79
N GLY B 32 -9.91 -6.02 -17.11
CA GLY B 32 -10.80 -5.22 -17.95
C GLY B 32 -10.29 -3.91 -18.50
N ALA B 33 -8.97 -3.71 -18.51
CA ALA B 33 -8.34 -2.46 -18.99
C ALA B 33 -8.04 -2.46 -20.50
N GLN B 34 -8.27 -1.31 -21.14
CA GLN B 34 -7.82 -1.08 -22.51
C GLN B 34 -6.39 -0.53 -22.40
N LEU B 35 -5.43 -1.20 -23.02
CA LEU B 35 -4.03 -0.83 -22.87
C LEU B 35 -3.45 -0.15 -24.09
N VAL B 36 -2.56 0.82 -23.84
CA VAL B 36 -1.62 1.28 -24.84
C VAL B 36 -0.26 0.78 -24.37
N LEU B 37 0.53 0.18 -25.26
CA LEU B 37 1.85 -0.28 -24.91
C LEU B 37 2.91 0.66 -25.45
N THR B 38 4.09 0.56 -24.87
CA THR B 38 5.18 1.43 -25.20
C THR B 38 6.42 0.56 -25.22
N GLY B 39 7.28 0.77 -26.19
CA GLY B 39 8.45 -0.07 -26.33
C GLY B 39 9.66 0.62 -26.89
N PHE B 40 10.78 -0.10 -26.80
CA PHE B 40 12.06 0.55 -26.89
C PHE B 40 12.76 0.57 -28.26
N ASP B 41 13.58 -0.43 -28.57
CA ASP B 41 14.14 -0.41 -29.91
C ASP B 41 13.99 -1.72 -30.66
N ARG B 42 13.59 -2.78 -29.96
CA ARG B 42 13.21 -4.00 -30.61
C ARG B 42 11.68 -4.02 -30.74
N LEU B 43 11.17 -3.09 -31.52
CA LEU B 43 9.74 -3.04 -31.82
C LEU B 43 9.29 -4.33 -32.49
N ARG B 44 10.08 -4.82 -33.46
CA ARG B 44 9.83 -6.11 -34.12
C ARG B 44 9.60 -7.14 -33.03
N LEU B 45 10.64 -7.33 -32.23
CA LEU B 45 10.66 -8.36 -31.21
C LEU B 45 9.48 -8.24 -30.29
N ILE B 46 9.21 -7.04 -29.77
CA ILE B 46 8.23 -6.95 -28.68
C ILE B 46 6.81 -7.07 -29.18
N GLN B 47 6.57 -6.59 -30.40
CA GLN B 47 5.29 -6.79 -31.11
C GLN B 47 4.95 -8.28 -31.14
N ARG B 48 5.95 -9.10 -31.44
CA ARG B 48 5.77 -10.54 -31.43
C ARG B 48 5.45 -11.05 -30.01
N ILE B 49 6.10 -10.49 -28.99
CA ILE B 49 5.80 -10.85 -27.59
C ILE B 49 4.38 -10.39 -27.24
N THR B 50 4.03 -9.22 -27.75
CA THR B 50 2.80 -8.54 -27.41
C THR B 50 1.51 -9.28 -27.76
N ASP B 51 1.51 -10.03 -28.85
CA ASP B 51 0.27 -10.68 -29.36
C ASP B 51 -0.07 -11.92 -28.57
N ARG B 52 0.86 -12.34 -27.70
CA ARG B 52 0.62 -13.41 -26.75
C ARG B 52 -0.15 -12.95 -25.52
N LEU B 53 -0.47 -11.66 -25.43
CA LEU B 53 -1.33 -11.14 -24.38
C LEU B 53 -2.78 -11.49 -24.66
N PRO B 54 -3.64 -11.49 -23.62
CA PRO B 54 -5.05 -11.83 -23.76
C PRO B 54 -5.86 -10.98 -24.75
N ALA B 55 -5.43 -9.75 -25.04
CA ALA B 55 -6.18 -8.89 -25.96
C ALA B 55 -5.24 -8.06 -26.82
N LYS B 56 -5.80 -7.35 -27.80
CA LYS B 56 -5.01 -6.53 -28.72
C LYS B 56 -4.81 -5.11 -28.17
N ALA B 57 -3.63 -4.53 -28.43
CA ALA B 57 -3.29 -3.21 -27.92
C ALA B 57 -2.29 -2.48 -28.82
N PRO B 58 -2.53 -1.18 -29.12
CA PRO B 58 -1.58 -0.43 -29.95
C PRO B 58 -0.23 -0.50 -29.30
N LEU B 59 0.84 -0.50 -30.08
CA LEU B 59 2.19 -0.54 -29.53
C LEU B 59 2.97 0.64 -30.04
N LEU B 60 3.48 1.50 -29.15
CA LEU B 60 4.17 2.70 -29.62
C LEU B 60 5.65 2.68 -29.27
N GLU B 61 6.44 3.42 -30.03
CA GLU B 61 7.85 3.52 -29.74
C GLU B 61 8.06 4.62 -28.72
N LEU B 62 8.85 4.34 -27.68
CA LEU B 62 9.29 5.38 -26.75
C LEU B 62 10.70 5.14 -26.30
N ASP B 63 11.63 5.90 -26.83
CA ASP B 63 12.99 5.94 -26.28
C ASP B 63 12.91 7.02 -25.24
N VAL B 64 13.03 6.60 -23.98
CA VAL B 64 12.81 7.54 -22.90
C VAL B 64 13.96 8.54 -22.88
N GLN B 65 15.05 8.20 -23.56
CA GLN B 65 16.18 9.12 -23.76
C GLN B 65 15.99 10.07 -24.94
N ASN B 66 14.92 9.88 -25.69
CA ASN B 66 14.70 10.64 -26.91
C ASN B 66 13.71 11.73 -26.62
N GLU B 67 14.18 12.96 -26.67
CA GLU B 67 13.33 14.08 -26.35
C GLU B 67 12.18 14.24 -27.34
N GLU B 68 12.42 13.84 -28.59
CA GLU B 68 11.39 13.80 -29.63
C GLU B 68 10.26 12.82 -29.31
N HIS B 69 10.62 11.57 -29.04
CA HIS B 69 9.63 10.56 -28.67
C HIS B 69 8.71 11.11 -27.59
N LEU B 70 9.30 11.54 -26.47
CA LEU B 70 8.55 12.11 -25.36
C LEU B 70 7.65 13.26 -25.79
N ALA B 71 8.17 14.13 -26.66
CA ALA B 71 7.43 15.34 -27.10
C ALA B 71 6.19 15.03 -27.93
N SER B 72 6.17 13.86 -28.56
CA SER B 72 5.06 13.44 -29.40
C SER B 72 4.23 12.33 -28.77
N LEU B 73 4.63 11.85 -27.61
CA LEU B 73 4.01 10.70 -26.96
C LEU B 73 2.55 10.96 -26.66
N ALA B 74 2.23 12.14 -26.15
CA ALA B 74 0.85 12.44 -25.82
C ALA B 74 -0.04 12.43 -27.05
N GLY B 75 0.52 12.85 -28.19
CA GLY B 75 -0.22 12.93 -29.45
C GLY B 75 -0.43 11.56 -30.04
N ARG B 76 0.63 10.76 -30.03
CA ARG B 76 0.59 9.41 -30.55
C ARG B 76 -0.35 8.54 -29.73
N VAL B 77 -0.39 8.81 -28.43
CA VAL B 77 -1.29 8.09 -27.53
C VAL B 77 -2.74 8.44 -27.80
N THR B 78 -3.01 9.71 -28.07
CA THR B 78 -4.37 10.16 -28.33
C THR B 78 -4.96 9.54 -29.60
N GLU B 79 -4.13 9.40 -30.64
CA GLU B 79 -4.58 8.82 -31.92
C GLU B 79 -4.89 7.35 -31.73
N ALA B 80 -4.18 6.73 -30.81
CA ALA B 80 -4.38 5.31 -30.52
C ALA B 80 -5.64 5.01 -29.70
N ILE B 81 -6.10 5.97 -28.90
CA ILE B 81 -7.20 5.65 -27.97
C ILE B 81 -8.47 6.41 -28.26
N GLY B 82 -8.35 7.41 -29.13
CA GLY B 82 -9.48 8.18 -29.63
C GLY B 82 -9.36 9.60 -29.12
N ALA B 83 -9.57 10.57 -30.01
CA ALA B 83 -9.64 11.97 -29.61
C ALA B 83 -10.74 12.05 -28.56
N GLY B 84 -10.61 12.97 -27.62
CA GLY B 84 -11.62 13.16 -26.58
C GLY B 84 -11.57 12.13 -25.46
N ASN B 85 -10.65 11.17 -25.58
CA ASN B 85 -10.37 10.19 -24.53
C ASN B 85 -9.04 10.52 -23.83
N LYS B 86 -8.99 10.29 -22.53
CA LYS B 86 -7.75 10.51 -21.73
C LYS B 86 -7.34 9.18 -21.10
N LEU B 87 -6.15 9.15 -20.52
CA LEU B 87 -5.70 7.95 -19.85
C LEU B 87 -6.17 7.98 -18.41
N ASP B 88 -6.34 6.80 -17.82
CA ASP B 88 -6.56 6.73 -16.36
C ASP B 88 -5.33 6.24 -15.60
N GLY B 89 -4.38 5.66 -16.30
CA GLY B 89 -3.23 5.08 -15.64
C GLY B 89 -2.00 4.97 -16.51
N VAL B 90 -0.84 4.95 -15.86
CA VAL B 90 0.45 4.89 -16.52
C VAL B 90 1.35 4.02 -15.68
N VAL B 91 1.92 3.00 -16.31
CA VAL B 91 2.91 2.13 -15.67
C VAL B 91 4.29 2.42 -16.25
N HIS B 92 5.20 2.83 -15.37
CA HIS B 92 6.57 3.04 -15.76
C HIS B 92 7.27 1.83 -15.25
N SER B 93 7.76 1.03 -16.17
CA SER B 93 8.39 -0.21 -15.81
C SER B 93 9.75 -0.32 -16.47
N ILE B 94 10.53 0.76 -16.37
CA ILE B 94 11.80 0.90 -17.10
C ILE B 94 13.02 0.93 -16.20
N GLY B 95 14.05 0.20 -16.60
CA GLY B 95 15.28 0.15 -15.83
C GLY B 95 16.45 0.01 -16.76
N PHE B 96 17.60 0.55 -16.36
CA PHE B 96 18.83 0.31 -17.06
C PHE B 96 19.97 0.89 -16.26
N MET B 97 20.99 0.07 -16.02
CA MET B 97 22.30 0.55 -15.62
C MET B 97 23.30 -0.25 -16.41
N PRO B 98 24.29 0.40 -17.06
CA PRO B 98 25.26 -0.43 -17.74
C PRO B 98 26.00 -1.38 -16.81
N GLN B 99 26.52 -2.46 -17.36
CA GLN B 99 27.18 -3.48 -16.57
C GLN B 99 28.28 -2.93 -15.68
N THR B 100 28.95 -1.90 -16.15
CA THR B 100 30.03 -1.35 -15.40
C THR B 100 29.53 -0.81 -14.04
N GLY B 101 28.20 -0.59 -13.97
CA GLY B 101 27.57 -0.12 -12.75
C GLY B 101 27.04 -1.23 -11.88
N MET B 102 27.08 -2.46 -12.40
CA MET B 102 26.42 -3.58 -11.75
C MET B 102 27.31 -4.80 -11.47
N GLY B 103 27.04 -5.56 -10.41
CA GLY B 103 27.96 -6.55 -9.81
C GLY B 103 29.34 -6.85 -10.38
N ILE B 104 29.50 -6.69 -11.70
CA ILE B 104 30.82 -6.85 -12.33
C ILE B 104 31.81 -5.95 -11.62
N ASN B 105 32.12 -4.85 -12.31
CA ASN B 105 33.09 -3.89 -11.83
C ASN B 105 32.90 -3.54 -10.38
N PRO B 106 34.02 -3.27 -9.70
CA PRO B 106 33.88 -2.64 -8.37
C PRO B 106 33.13 -1.27 -8.44
N PHE B 107 32.48 -0.92 -7.33
CA PHE B 107 31.60 0.25 -7.27
C PHE B 107 32.25 1.52 -7.84
N PHE B 108 33.52 1.75 -7.47
CA PHE B 108 34.25 2.95 -7.85
C PHE B 108 34.66 2.98 -9.31
N ASP B 109 34.60 1.86 -10.03
CA ASP B 109 35.08 1.83 -11.43
C ASP B 109 34.01 2.17 -12.46
N ALA B 110 32.76 2.36 -12.03
CA ALA B 110 31.74 2.79 -12.98
C ALA B 110 32.00 4.24 -13.33
N PRO B 111 32.20 4.55 -14.63
CA PRO B 111 32.43 5.93 -15.02
C PRO B 111 31.15 6.69 -14.95
N TYR B 112 31.26 8.00 -14.76
CA TYR B 112 30.03 8.76 -14.62
C TYR B 112 29.11 8.77 -15.83
N ALA B 113 29.65 8.80 -17.05
CA ALA B 113 28.78 8.80 -18.24
C ALA B 113 27.88 7.56 -18.22
N ASP B 114 28.40 6.48 -17.63
CA ASP B 114 27.68 5.24 -17.51
C ASP B 114 26.61 5.34 -16.47
N VAL B 115 26.99 5.81 -15.28
CA VAL B 115 26.04 6.04 -14.19
C VAL B 115 24.99 7.03 -14.62
N SER B 116 25.40 8.03 -15.38
CA SER B 116 24.47 9.07 -15.82
C SER B 116 23.36 8.51 -16.70
N LYS B 117 23.73 7.70 -17.69
CA LYS B 117 22.74 7.04 -18.54
C LYS B 117 21.81 6.20 -17.67
N GLY B 118 22.41 5.46 -16.75
CA GLY B 118 21.63 4.68 -15.82
C GLY B 118 20.59 5.52 -15.11
N ILE B 119 21.03 6.62 -14.50
CA ILE B 119 20.10 7.50 -13.79
C ILE B 119 19.04 8.13 -14.71
N HIS B 120 19.45 8.51 -15.90
CA HIS B 120 18.55 9.03 -16.94
C HIS B 120 17.38 8.07 -17.19
N ILE B 121 17.70 6.81 -17.45
CA ILE B 121 16.66 5.86 -17.82
C ILE B 121 15.86 5.43 -16.60
N SER B 122 16.53 5.27 -15.48
CA SER B 122 15.89 4.65 -14.35
C SER B 122 15.17 5.63 -13.41
N ALA B 123 15.70 6.85 -13.23
CA ALA B 123 15.04 7.81 -12.34
C ALA B 123 14.35 8.92 -13.10
N TYR B 124 15.13 9.68 -13.84
CA TYR B 124 14.62 10.88 -14.49
C TYR B 124 13.39 10.64 -15.39
N SER B 125 13.40 9.54 -16.14
CA SER B 125 12.36 9.24 -17.14
C SER B 125 10.99 9.10 -16.49
N TYR B 126 11.00 8.76 -15.21
CA TYR B 126 9.78 8.72 -14.46
C TYR B 126 9.11 10.12 -14.47
N ALA B 127 9.94 11.16 -14.48
CA ALA B 127 9.42 12.50 -14.51
C ALA B 127 9.05 12.87 -15.94
N SER B 128 9.93 12.58 -16.89
CA SER B 128 9.61 12.81 -18.30
C SER B 128 8.22 12.27 -18.60
N MET B 129 8.02 10.96 -18.38
CA MET B 129 6.72 10.33 -18.69
C MET B 129 5.57 11.06 -18.00
N ALA B 130 5.79 11.51 -16.78
CA ALA B 130 4.74 12.22 -16.09
C ALA B 130 4.46 13.54 -16.85
N LYS B 131 5.53 14.30 -17.14
CA LYS B 131 5.41 15.55 -17.89
C LYS B 131 4.63 15.31 -19.18
N ALA B 132 4.97 14.22 -19.86
CA ALA B 132 4.42 13.96 -21.19
C ALA B 132 2.96 13.56 -21.10
N LEU B 133 2.65 12.66 -20.15
CA LEU B 133 1.32 12.03 -20.11
C LEU B 133 0.36 12.68 -19.16
N LEU B 134 0.86 13.49 -18.24
CA LEU B 134 -0.01 14.08 -17.24
C LEU B 134 -1.07 14.98 -17.88
N PRO B 135 -0.68 15.77 -18.92
CA PRO B 135 -1.67 16.61 -19.64
C PRO B 135 -2.84 15.85 -20.23
N ILE B 136 -2.74 14.52 -20.38
CA ILE B 136 -3.87 13.70 -20.90
C ILE B 136 -4.34 12.57 -19.98
N MET B 137 -4.23 12.79 -18.68
CA MET B 137 -4.79 11.85 -17.71
C MET B 137 -6.05 12.42 -17.07
N ASN B 138 -6.99 11.54 -16.76
CA ASN B 138 -8.19 11.92 -16.03
C ASN B 138 -7.96 12.15 -14.55
N PRO B 139 -8.79 12.99 -13.93
CA PRO B 139 -8.86 13.01 -12.47
C PRO B 139 -9.20 11.59 -11.94
N GLY B 140 -8.85 11.31 -10.70
CA GLY B 140 -8.92 9.97 -10.15
C GLY B 140 -7.77 9.09 -10.62
N GLY B 141 -7.09 9.46 -11.71
CA GLY B 141 -6.08 8.61 -12.34
C GLY B 141 -4.84 8.25 -11.52
N SER B 142 -3.99 7.36 -12.06
CA SER B 142 -2.86 6.81 -11.29
C SER B 142 -1.56 6.61 -12.10
N ILE B 143 -0.43 7.09 -11.57
CA ILE B 143 0.86 6.77 -12.18
C ILE B 143 1.60 5.90 -11.19
N VAL B 144 2.16 4.80 -11.69
CA VAL B 144 2.95 3.90 -10.87
C VAL B 144 4.20 3.44 -11.58
N GLY B 145 5.32 3.43 -10.87
CA GLY B 145 6.58 2.90 -11.40
C GLY B 145 7.10 1.76 -10.55
N MET B 146 8.04 0.98 -11.07
CA MET B 146 8.60 -0.16 -10.36
C MET B 146 9.90 0.22 -9.72
N ASP B 147 10.07 -0.20 -8.46
CA ASP B 147 11.19 0.22 -7.64
C ASP B 147 11.66 -1.00 -6.91
N PHE B 148 12.83 -0.91 -6.29
CA PHE B 148 13.18 -1.85 -5.25
C PHE B 148 13.80 -1.09 -4.11
N ASP B 149 13.76 -1.64 -2.92
CA ASP B 149 14.20 -0.95 -1.74
C ASP B 149 15.70 -0.70 -1.68
N PRO B 150 16.12 0.59 -1.78
CA PRO B 150 17.50 1.05 -1.84
C PRO B 150 17.99 1.68 -0.54
N SER B 151 17.17 1.53 0.49
CA SER B 151 17.38 2.19 1.76
C SER B 151 18.64 1.67 2.49
N ARG B 152 19.07 0.46 2.16
CA ARG B 152 20.37 -0.07 2.63
C ARG B 152 21.18 -0.56 1.47
N ALA B 153 22.51 -0.56 1.63
CA ALA B 153 23.40 -1.10 0.57
C ALA B 153 23.41 -2.64 0.55
N MET B 154 23.90 -3.20 -0.55
CA MET B 154 23.87 -4.64 -0.78
C MET B 154 24.95 -4.97 -1.82
N PRO B 155 25.37 -6.25 -1.92
CA PRO B 155 26.30 -6.52 -3.02
C PRO B 155 25.64 -6.35 -4.41
N ALA B 156 26.48 -6.06 -5.41
CA ALA B 156 26.14 -6.20 -6.82
C ALA B 156 25.35 -5.07 -7.42
N TYR B 157 24.17 -4.78 -6.87
CA TYR B 157 23.28 -3.81 -7.53
C TYR B 157 23.84 -2.38 -7.64
N ASN B 158 24.84 -2.10 -6.82
CA ASN B 158 25.62 -0.89 -6.91
C ASN B 158 24.86 0.38 -7.39
N TRP B 159 25.28 0.92 -8.53
CA TRP B 159 24.68 2.13 -9.05
C TRP B 159 23.25 1.98 -9.44
N MET B 160 22.77 0.75 -9.55
CA MET B 160 21.33 0.58 -9.80
C MET B 160 20.55 0.93 -8.53
N THR B 161 21.12 0.59 -7.38
CA THR B 161 20.54 0.96 -6.10
C THR B 161 20.50 2.48 -5.98
N VAL B 162 21.65 3.14 -6.14
CA VAL B 162 21.69 4.59 -6.18
C VAL B 162 20.55 5.15 -7.07
N ALA B 163 20.45 4.63 -8.28
CA ALA B 163 19.39 5.05 -9.21
C ALA B 163 17.99 4.87 -8.64
N LYS B 164 17.75 3.78 -7.90
CA LYS B 164 16.44 3.55 -7.30
C LYS B 164 16.17 4.56 -6.19
N SER B 165 17.15 4.77 -5.33
CA SER B 165 17.10 5.87 -4.35
C SER B 165 16.68 7.19 -4.97
N ALA B 166 17.27 7.54 -6.10
CA ALA B 166 16.89 8.77 -6.79
C ALA B 166 15.45 8.65 -7.28
N LEU B 167 15.09 7.48 -7.79
CA LEU B 167 13.73 7.23 -8.29
C LEU B 167 12.72 7.55 -7.24
N GLU B 168 12.96 7.08 -6.02
CA GLU B 168 12.02 7.33 -4.92
C GLU B 168 11.93 8.82 -4.61
N SER B 169 13.03 9.53 -4.77
CA SER B 169 13.04 10.97 -4.54
C SER B 169 12.22 11.65 -5.64
N VAL B 170 12.47 11.29 -6.89
CA VAL B 170 11.71 11.84 -8.04
C VAL B 170 10.20 11.63 -7.91
N ASN B 171 9.81 10.45 -7.40
CA ASN B 171 8.39 10.11 -7.26
C ASN B 171 7.64 11.07 -6.31
N ARG B 172 8.28 11.56 -5.25
CA ARG B 172 7.62 12.54 -4.35
C ARG B 172 7.45 13.91 -4.99
N PHE B 173 8.41 14.32 -5.80
CA PHE B 173 8.16 15.52 -6.57
C PHE B 173 7.12 15.35 -7.68
N VAL B 174 7.12 14.19 -8.36
CA VAL B 174 6.15 13.98 -9.43
C VAL B 174 4.76 14.09 -8.85
N ALA B 175 4.59 13.54 -7.65
CA ALA B 175 3.30 13.56 -6.96
C ALA B 175 2.71 14.96 -6.67
N ARG B 176 3.59 15.93 -6.39
CA ARG B 176 3.15 17.31 -6.24
C ARG B 176 2.57 17.85 -7.54
N GLU B 177 3.20 17.50 -8.67
CA GLU B 177 2.72 17.89 -9.99
C GLU B 177 1.43 17.16 -10.33
N ALA B 178 1.46 15.83 -10.21
CA ALA B 178 0.32 14.99 -10.52
C ALA B 178 -0.92 15.40 -9.75
N GLY B 179 -0.70 15.85 -8.51
CA GLY B 179 -1.79 16.21 -7.62
C GLY B 179 -2.68 17.31 -8.15
N LYS B 180 -2.13 18.16 -9.02
CA LYS B 180 -2.89 19.27 -9.61
C LYS B 180 -3.93 18.79 -10.60
N TYR B 181 -3.78 17.56 -11.09
CA TYR B 181 -4.66 16.96 -12.09
C TYR B 181 -5.57 15.94 -11.41
N GLY B 182 -5.49 15.90 -10.08
CA GLY B 182 -6.14 14.85 -9.32
C GLY B 182 -5.57 13.47 -9.60
N VAL B 183 -4.26 13.38 -9.86
CA VAL B 183 -3.65 12.11 -10.21
C VAL B 183 -2.64 11.70 -9.15
N ARG B 184 -2.63 10.41 -8.80
CA ARG B 184 -1.70 9.90 -7.81
C ARG B 184 -0.43 9.43 -8.47
N SER B 185 0.67 9.52 -7.73
CA SER B 185 1.94 8.97 -8.21
C SER B 185 2.50 8.06 -7.13
N ASN B 186 2.78 6.81 -7.48
CA ASN B 186 3.32 5.88 -6.49
C ASN B 186 4.33 4.92 -7.10
N LEU B 187 5.17 4.34 -6.23
CA LEU B 187 6.10 3.30 -6.61
C LEU B 187 5.68 1.96 -6.01
N VAL B 188 5.84 0.89 -6.78
CA VAL B 188 5.80 -0.44 -6.19
C VAL B 188 7.21 -1.01 -5.99
N ALA B 189 7.51 -1.37 -4.75
CA ALA B 189 8.78 -1.98 -4.45
C ALA B 189 8.62 -3.52 -4.47
N ALA B 190 9.17 -4.17 -5.51
CA ALA B 190 9.04 -5.62 -5.62
C ALA B 190 10.15 -6.32 -4.87
N GLY B 191 9.89 -7.53 -4.36
CA GLY B 191 11.01 -8.44 -4.06
C GLY B 191 11.56 -8.98 -5.38
N PRO B 192 12.68 -9.74 -5.33
CA PRO B 192 13.36 -10.07 -6.59
C PRO B 192 12.58 -11.10 -7.41
N ILE B 193 12.71 -10.99 -8.72
CA ILE B 193 11.93 -11.75 -9.65
C ILE B 193 12.79 -12.17 -10.81
N ARG B 194 12.61 -13.42 -11.22
CA ARG B 194 13.46 -14.09 -12.20
C ARG B 194 12.98 -13.70 -13.58
N THR B 195 13.14 -12.43 -13.90
CA THR B 195 12.97 -11.96 -15.28
C THR B 195 14.31 -12.19 -15.96
N LEU B 196 14.33 -12.23 -17.28
CA LEU B 196 15.58 -12.44 -18.01
C LEU B 196 16.67 -11.40 -17.65
N ALA B 197 16.26 -10.15 -17.40
CA ALA B 197 17.19 -9.10 -16.96
C ALA B 197 17.87 -9.43 -15.63
N MET B 198 17.07 -9.86 -14.66
CA MET B 198 17.60 -10.29 -13.37
C MET B 198 18.62 -11.43 -13.53
N SER B 199 18.17 -12.58 -14.04
CA SER B 199 19.09 -13.69 -14.25
C SER B 199 19.90 -13.36 -15.49
N ALA B 200 21.03 -12.70 -15.27
CA ALA B 200 21.84 -12.06 -16.32
C ALA B 200 22.58 -10.96 -15.60
N ILE B 201 21.85 -9.92 -15.19
CA ILE B 201 22.41 -8.92 -14.31
C ILE B 201 23.46 -9.63 -13.47
N VAL B 202 23.04 -10.64 -12.74
CA VAL B 202 23.85 -11.20 -11.66
C VAL B 202 23.03 -12.09 -10.71
N GLY B 203 23.54 -13.30 -10.42
CA GLY B 203 24.75 -13.87 -11.05
C GLY B 203 25.53 -13.16 -12.16
N GLY B 204 25.22 -13.46 -13.42
CA GLY B 204 26.16 -13.17 -14.51
C GLY B 204 26.36 -11.75 -15.04
N ALA B 205 27.16 -10.90 -14.37
CA ALA B 205 28.05 -11.23 -13.26
C ALA B 205 28.32 -9.92 -12.51
N LEU B 206 28.72 -9.99 -11.23
CA LEU B 206 29.35 -11.16 -10.58
C LEU B 206 28.41 -12.28 -10.06
N GLY B 207 28.92 -13.49 -9.96
CA GLY B 207 30.30 -13.76 -10.31
C GLY B 207 30.48 -14.42 -11.65
N GLU B 208 29.81 -15.56 -11.81
CA GLU B 208 30.20 -16.57 -12.76
C GLU B 208 29.88 -17.83 -12.04
N GLU B 209 30.59 -18.06 -10.94
CA GLU B 209 30.30 -19.18 -10.04
C GLU B 209 28.83 -19.57 -10.21
N ALA B 210 27.94 -18.59 -10.08
CA ALA B 210 26.55 -18.91 -9.79
C ALA B 210 25.42 -18.24 -10.57
N GLY B 211 24.50 -19.12 -10.98
CA GLY B 211 23.10 -18.82 -11.14
C GLY B 211 22.51 -19.62 -9.99
N ALA B 212 23.39 -20.25 -9.22
CA ALA B 212 23.02 -20.82 -7.93
C ALA B 212 22.88 -19.71 -6.88
N GLN B 213 23.51 -18.56 -7.13
CA GLN B 213 23.33 -17.44 -6.23
C GLN B 213 21.94 -16.87 -6.43
N ILE B 214 21.46 -16.84 -7.67
CA ILE B 214 20.06 -16.54 -7.95
C ILE B 214 19.12 -17.47 -7.18
N GLN B 215 19.46 -18.76 -7.15
CA GLN B 215 18.70 -19.70 -6.37
C GLN B 215 18.78 -19.35 -4.89
N LEU B 216 19.97 -18.95 -4.42
CA LEU B 216 20.13 -18.61 -3.00
C LEU B 216 19.37 -17.36 -2.54
N LEU B 217 19.37 -16.35 -3.41
CA LEU B 217 18.52 -15.19 -3.23
C LEU B 217 17.11 -15.66 -2.92
N GLU B 218 16.58 -16.50 -3.80
CA GLU B 218 15.17 -16.85 -3.83
C GLU B 218 14.75 -17.54 -2.57
N GLU B 219 15.65 -18.38 -2.09
CA GLU B 219 15.43 -19.16 -0.88
C GLU B 219 15.50 -18.29 0.35
N GLY B 220 16.36 -17.29 0.30
CA GLY B 220 16.61 -16.43 1.43
C GLY B 220 15.53 -15.40 1.57
N TRP B 221 15.09 -14.85 0.47
CA TRP B 221 13.98 -13.91 0.49
C TRP B 221 12.70 -14.58 1.03
N ASP B 222 12.43 -15.79 0.55
CA ASP B 222 11.23 -16.53 0.95
C ASP B 222 11.27 -16.80 2.44
N GLN B 223 12.48 -16.98 2.97
CA GLN B 223 12.68 -17.10 4.41
C GLN B 223 12.34 -15.78 5.16
N ARG B 224 12.99 -14.66 4.80
CA ARG B 224 12.82 -13.32 5.41
C ARG B 224 11.34 -12.89 5.40
N ALA B 225 10.68 -13.11 4.26
CA ALA B 225 9.27 -12.80 4.04
C ALA B 225 8.24 -13.59 4.88
N PRO B 226 7.53 -12.92 5.80
CA PRO B 226 6.50 -13.60 6.59
C PRO B 226 5.48 -14.41 5.81
N ILE B 227 5.05 -13.94 4.63
CA ILE B 227 4.17 -14.77 3.75
C ILE B 227 4.85 -15.49 2.61
N GLY B 228 6.17 -15.59 2.64
CA GLY B 228 6.85 -16.33 1.59
C GLY B 228 6.97 -15.53 0.31
N TRP B 229 7.87 -15.97 -0.54
CA TRP B 229 8.15 -15.27 -1.78
C TRP B 229 8.50 -16.34 -2.78
N ASN B 230 7.92 -16.23 -3.96
CA ASN B 230 8.34 -17.05 -5.05
C ASN B 230 8.86 -16.19 -6.18
N MET B 231 10.18 -16.18 -6.30
CA MET B 231 10.86 -15.40 -7.31
C MET B 231 10.44 -15.74 -8.75
N LYS B 232 9.70 -16.83 -8.97
CA LYS B 232 9.36 -17.18 -10.35
C LYS B 232 7.97 -16.68 -10.72
N ASP B 233 7.31 -16.05 -9.77
CA ASP B 233 5.93 -15.67 -10.00
C ASP B 233 5.87 -14.15 -9.87
N ALA B 234 5.58 -13.50 -10.99
CA ALA B 234 5.46 -12.06 -11.06
C ALA B 234 4.02 -11.58 -10.81
N THR B 235 3.08 -12.53 -10.81
CA THR B 235 1.67 -12.23 -10.56
C THR B 235 1.37 -11.42 -9.26
N PRO B 236 1.93 -11.82 -8.09
CA PRO B 236 1.73 -10.98 -6.90
C PRO B 236 2.18 -9.53 -7.09
N VAL B 237 3.32 -9.29 -7.76
CA VAL B 237 3.75 -7.93 -8.07
C VAL B 237 2.72 -7.28 -8.99
N ALA B 238 2.29 -8.00 -10.01
CA ALA B 238 1.36 -7.41 -10.96
C ALA B 238 0.01 -7.09 -10.33
N LYS B 239 -0.42 -7.89 -9.36
CA LYS B 239 -1.68 -7.60 -8.65
C LYS B 239 -1.58 -6.26 -7.85
N THR B 240 -0.41 -5.98 -7.29
CA THR B 240 -0.16 -4.79 -6.48
C THR B 240 -0.16 -3.53 -7.35
N VAL B 241 0.49 -3.60 -8.50
CA VAL B 241 0.49 -2.48 -9.46
C VAL B 241 -0.92 -2.18 -9.89
N CYS B 242 -1.71 -3.22 -10.04
CA CYS B 242 -3.09 -3.11 -10.45
C CYS B 242 -3.98 -2.48 -9.40
N ALA B 243 -3.70 -2.76 -8.12
CA ALA B 243 -4.43 -2.15 -7.00
C ALA B 243 -4.18 -0.64 -6.97
N LEU B 244 -2.94 -0.23 -7.22
CA LEU B 244 -2.62 1.18 -7.33
C LEU B 244 -3.25 1.85 -8.56
N LEU B 245 -3.52 1.05 -9.58
CA LEU B 245 -4.17 1.58 -10.76
C LEU B 245 -5.68 1.66 -10.55
N SER B 246 -6.20 0.92 -9.57
CA SER B 246 -7.62 0.99 -9.26
C SER B 246 -8.00 2.20 -8.40
N ASP B 247 -9.28 2.23 -8.01
CA ASP B 247 -9.83 3.29 -7.17
C ASP B 247 -9.75 2.98 -5.69
N TRP B 248 -9.01 1.92 -5.31
CA TRP B 248 -9.08 1.38 -3.95
C TRP B 248 -7.99 1.87 -3.01
N LEU B 249 -7.07 2.64 -3.58
CA LEU B 249 -6.10 3.37 -2.78
C LEU B 249 -6.22 4.90 -3.01
N PRO B 250 -7.45 5.47 -2.90
CA PRO B 250 -7.62 6.82 -3.44
C PRO B 250 -6.85 7.91 -2.66
N ALA B 251 -6.36 7.59 -1.48
CA ALA B 251 -5.65 8.58 -0.69
C ALA B 251 -4.15 8.32 -0.53
N THR B 252 -3.52 7.59 -1.45
CA THR B 252 -2.08 7.40 -1.31
C THR B 252 -1.27 7.88 -2.49
N THR B 253 -0.26 8.70 -2.23
CA THR B 253 0.49 9.32 -3.29
C THR B 253 1.86 9.75 -2.80
N GLY B 254 2.81 9.90 -3.70
CA GLY B 254 4.19 10.11 -3.31
C GLY B 254 4.75 8.96 -2.49
N ASP B 255 4.05 7.82 -2.32
CA ASP B 255 4.80 6.71 -1.71
C ASP B 255 5.14 5.47 -2.45
N ILE B 256 5.44 4.46 -1.64
CA ILE B 256 5.98 3.19 -2.01
C ILE B 256 5.17 2.07 -1.31
N ILE B 257 4.30 1.37 -2.05
CA ILE B 257 3.80 0.05 -1.62
C ILE B 257 4.88 -1.08 -1.82
N TYR B 258 5.19 -1.84 -0.78
CA TYR B 258 6.09 -3.00 -0.91
C TYR B 258 5.39 -4.34 -1.22
N ALA B 259 5.64 -4.85 -2.42
CA ALA B 259 5.16 -6.17 -2.82
C ALA B 259 6.37 -7.08 -2.83
N ASP B 260 6.80 -7.48 -1.63
CA ASP B 260 8.07 -8.18 -1.43
C ASP B 260 7.93 -9.26 -0.36
N GLY B 261 6.69 -9.69 -0.15
CA GLY B 261 6.38 -10.75 0.82
C GLY B 261 6.60 -10.30 2.26
N GLY B 262 6.87 -9.01 2.43
CA GLY B 262 7.09 -8.42 3.73
C GLY B 262 8.53 -8.54 4.16
N ALA B 263 9.42 -8.92 3.23
CA ALA B 263 10.84 -9.09 3.61
C ALA B 263 11.45 -7.79 4.20
N HIS B 264 11.12 -6.62 3.64
CA HIS B 264 11.74 -5.39 4.18
C HIS B 264 11.41 -5.14 5.67
N THR B 265 10.38 -5.82 6.19
CA THR B 265 9.96 -5.54 7.58
C THR B 265 10.58 -6.44 8.60
N GLN B 266 11.52 -7.28 8.17
CA GLN B 266 12.14 -8.21 9.07
C GLN B 266 13.65 -8.15 8.91
N LEU B 267 14.35 -8.20 10.03
CA LEU B 267 15.80 -8.13 10.06
C LEU B 267 16.33 -9.51 9.70
N LEU B 268 15.63 -10.54 10.17
CA LEU B 268 15.74 -11.89 9.60
C LEU B 268 14.64 -12.77 10.19
O9 P1H C . -12.57 5.57 14.64
P2 P1H C . -11.66 6.19 15.67
O8 P1H C . -10.75 7.35 15.25
O7 P1H C . -12.43 6.73 16.97
P1 P1H C . -13.58 6.01 17.81
O2 P1H C . -14.78 5.93 16.91
O3 P1H C . -13.10 4.51 18.07
C1 P1H C . -12.28 4.14 19.17
C2 P1H C . -12.74 2.69 19.28
C3 P1H C . -14.18 2.71 19.79
O5 P1H C . -14.97 1.86 18.96
C4 P1H C . -14.04 2.15 21.19
O6 P1H C . -15.28 1.68 21.72
C5 P1H C . -12.93 1.12 20.93
N1 P1H C . -12.33 0.73 22.17
C10 P1H C . -12.17 -0.62 22.61
N5 P1H C . -12.64 -1.81 22.02
C9 P1H C . -12.49 -3.07 22.75
N4 P1H C . -12.06 -2.98 24.12
C8 P1H C . -11.60 -1.76 24.74
N3 P1H C . -11.32 -1.76 26.15
C7 P1H C . -11.94 -0.48 24.07
N2 P1H C . -11.51 0.89 24.36
C6 P1H C . -11.84 1.68 23.19
O4 P1H C . -11.96 1.88 20.19
O1 P1H C . -13.56 6.67 19.16
O10 P1H C . -10.62 5.08 16.20
C11 P1H C . -10.39 3.92 15.39
C12 P1H C . -8.90 3.72 15.22
C13 P1H C . -8.08 4.04 16.45
O12 P1H C . -7.03 3.06 16.51
C14 P1H C . -7.41 5.34 16.12
O13 P1H C . -6.22 5.47 16.89
C15 P1H C . -7.13 5.14 14.64
O11 P1H C . -8.36 4.56 14.19
N6 P1H C . -6.94 6.44 14.02
C21 P1H C . -5.75 6.49 13.20
C20 P1H C . -5.47 7.82 12.54
C19 P1H C . -6.25 9.03 13.03
C17 P1H C . -7.66 8.74 13.56
C18 P1H C . -8.51 9.97 13.94
N7 P1H C . -8.25 11.21 13.21
O14 P1H C . -9.76 9.80 14.59
C16 P1H C . -7.93 7.46 14.34
C22 P1H C . -5.41 9.96 13.88
O15 P1H C . -5.50 9.95 15.30
C25 P1H C . -4.28 10.75 13.28
C24 P1H C . -3.96 10.55 11.81
C23 P1H C . -2.82 11.38 11.27
C26 P1H C . -3.39 11.38 14.30
C27 P1H C . -2.31 12.23 13.67
N8 P1H C . -2.03 12.05 12.26
C29 P1H C . -1.10 12.53 14.52
C28 P1H C . -0.56 13.83 13.92
C30 P1H C . -1.70 14.82 13.67
O9 P1H D . 10.92 -6.67 -15.81
P2 P1H D . 12.34 -6.27 -15.40
O8 P1H D . 13.00 -7.00 -14.26
O7 P1H D . 13.40 -6.43 -16.60
P1 P1H D . 13.15 -5.98 -18.12
O2 P1H D . 12.11 -6.92 -18.73
O3 P1H D . 12.47 -4.52 -18.09
C1 P1H D . 13.27 -3.38 -18.36
C2 P1H D . 12.60 -2.53 -19.43
C3 P1H D . 12.70 -3.12 -20.84
O5 P1H D . 11.42 -3.03 -21.50
C4 P1H D . 13.58 -2.12 -21.56
O6 P1H D . 13.32 -2.06 -22.97
C5 P1H D . 13.16 -0.84 -20.90
N1 P1H D . 14.23 -0.03 -21.40
C10 P1H D . 14.11 1.02 -22.35
N5 P1H D . 12.96 1.36 -23.13
C9 P1H D . 13.01 2.54 -23.96
N4 P1H D . 14.37 3.11 -24.00
C8 P1H D . 15.50 2.90 -23.12
N3 P1H D . 16.71 3.61 -23.51
C7 P1H D . 15.52 1.55 -22.51
N2 P1H D . 16.35 0.99 -21.48
C6 P1H D . 15.60 -0.10 -20.88
O4 P1H D . 13.20 -1.23 -19.53
O1 P1H D . 14.52 -5.91 -18.76
O10 P1H D . 12.34 -4.67 -15.05
C11 P1H D . 11.20 -3.79 -15.03
C12 P1H D . 11.26 -2.87 -13.82
C13 P1H D . 12.60 -2.21 -13.64
O12 P1H D . 12.41 -0.85 -13.25
C14 P1H D . 13.24 -2.92 -12.47
O13 P1H D . 14.17 -2.07 -11.81
C15 P1H D . 12.02 -3.20 -11.61
O11 P1H D . 11.10 -3.62 -12.59
N6 P1H D . 12.30 -4.29 -10.69
C21 P1H D . 12.23 -3.84 -9.33
C20 P1H D . 12.70 -4.85 -8.32
C19 P1H D . 13.20 -6.23 -8.69
C17 P1H D . 13.23 -6.49 -10.16
C18 P1H D . 13.68 -7.91 -10.48
N7 P1H D . 14.07 -8.77 -9.42
O14 P1H D . 13.59 -8.39 -11.79
C16 P1H D . 12.64 -5.59 -11.23
C22 P1H D . 14.67 -6.12 -8.25
O15 P1H D . 15.64 -5.59 -9.15
C25 P1H D . 15.09 -6.22 -6.79
C24 P1H D . 14.00 -6.48 -5.75
C23 P1H D . 14.52 -6.62 -4.33
C26 P1H D . 16.52 -5.79 -6.47
C27 P1H D . 16.94 -5.84 -5.00
N8 P1H D . 15.93 -6.33 -4.07
C29 P1H D . 18.40 -6.19 -4.66
C28 P1H D . 18.48 -7.35 -3.66
C30 P1H D . 18.71 -8.61 -4.47
#